data_3K9H
#
_entry.id   3K9H
#
_cell.length_a   57.000
_cell.length_b   57.000
_cell.length_c   343.610
_cell.angle_alpha   90.00
_cell.angle_beta   90.00
_cell.angle_gamma   120.00
#
_symmetry.space_group_name_H-M   'P 65'
#
loop_
_entity.id
_entity.type
_entity.pdbx_description
1 polymer 'PF-32 protein'
2 non-polymer 'SULFATE ION'
3 water water
#
_entity_poly.entity_id   1
_entity_poly.type   'polypeptide(L)'
_entity_poly.pdbx_seq_one_letter_code
;MAHHHHHHMGTLEAQTQGPGSMDNKKPKIITIASIKGGVGKSTSAIILATLLSKNNKVLLIDMDTQASITSYFYEKIEKL
GINFTKFNIYEILKENVDIDSTIINVDNNLDLIPSYLTLHNFSEDKIEHKDFLLKTSLGTLYYKYDYIVIDTNPSLDVTL
KNALLCSDYVIIPMTAEKWAVESLDLFNFFVRKLNLFLPIFLIITRFKKNRTHKTLFEILKTKDRFLGTISEREDLNRRI
AENNNFDLNKDYIKEYENILEIFLKKI
;
_entity_poly.pdbx_strand_id   A,B
#
loop_
_chem_comp.id
_chem_comp.type
_chem_comp.name
_chem_comp.formula
SO4 non-polymer 'SULFATE ION' 'O4 S -2'
#
# COMPACT_ATOMS: atom_id res chain seq x y z
N LYS A 25 1.74 -27.41 24.04
CA LYS A 25 2.14 -26.45 22.97
C LYS A 25 0.95 -25.56 22.56
N LYS A 26 1.27 -24.39 22.02
CA LYS A 26 0.29 -23.54 21.35
C LYS A 26 1.00 -22.91 20.14
N PRO A 27 0.23 -22.41 19.18
CA PRO A 27 0.85 -21.77 18.03
C PRO A 27 1.56 -20.49 18.41
N LYS A 28 2.69 -20.27 17.78
CA LYS A 28 3.44 -19.04 17.92
C LYS A 28 3.12 -18.17 16.71
N ILE A 29 2.54 -17.01 16.98
CA ILE A 29 1.88 -16.21 15.94
C ILE A 29 2.73 -15.00 15.64
N ILE A 30 3.24 -14.93 14.39
CA ILE A 30 4.13 -13.87 13.94
C ILE A 30 3.42 -13.01 12.91
N THR A 31 3.41 -11.68 13.13
CA THR A 31 2.92 -10.74 12.14
C THR A 31 4.13 -10.19 11.36
N ILE A 32 4.01 -10.16 10.03
CA ILE A 32 4.99 -9.50 9.23
C ILE A 32 4.37 -8.15 8.89
N ALA A 33 5.04 -7.06 9.27
CA ALA A 33 4.49 -5.74 9.09
C ALA A 33 5.57 -4.84 8.60
N SER A 34 5.14 -3.81 7.90
CA SER A 34 6.02 -2.75 7.46
C SER A 34 5.09 -1.65 7.04
N ILE A 35 5.44 -0.42 7.34
CA ILE A 35 4.63 0.74 6.97
C ILE A 35 5.02 1.26 5.58
N LYS A 36 6.13 0.75 5.05
CA LYS A 36 6.53 1.03 3.69
C LYS A 36 6.31 -0.17 2.75
N GLY A 37 5.63 0.07 1.63
CA GLY A 37 5.41 -0.94 0.58
C GLY A 37 6.66 -1.25 -0.22
N GLY A 38 6.69 -2.42 -0.86
CA GLY A 38 7.85 -2.84 -1.67
C GLY A 38 9.20 -3.06 -0.98
N VAL A 39 9.20 -3.31 0.32
CA VAL A 39 10.43 -3.56 1.10
C VAL A 39 10.67 -5.05 1.37
N GLY A 40 9.91 -5.94 0.73
CA GLY A 40 10.11 -7.38 0.88
C GLY A 40 9.36 -7.98 2.04
N LYS A 41 8.30 -7.30 2.48
CA LYS A 41 7.38 -7.81 3.48
C LYS A 41 6.80 -9.19 3.15
N SER A 42 6.05 -9.26 2.05
CA SER A 42 5.42 -10.52 1.63
C SER A 42 6.44 -11.62 1.23
N THR A 43 7.48 -11.22 0.50
CA THR A 43 8.59 -12.11 0.15
C THR A 43 9.17 -12.78 1.42
N SER A 44 9.39 -12.00 2.47
CA SER A 44 9.90 -12.51 3.74
C SER A 44 8.94 -13.43 4.43
N ALA A 45 7.66 -13.08 4.35
CA ALA A 45 6.66 -13.89 4.95
C ALA A 45 6.71 -15.28 4.31
N ILE A 46 6.74 -15.35 2.99
CA ILE A 46 6.79 -16.64 2.30
C ILE A 46 8.03 -17.43 2.67
N ILE A 47 9.20 -16.83 2.54
CA ILE A 47 10.48 -17.51 2.77
C ILE A 47 10.64 -17.93 4.24
N LEU A 48 10.23 -17.07 5.16
CA LEU A 48 10.31 -17.44 6.57
C LEU A 48 9.35 -18.58 6.85
N ALA A 49 8.13 -18.49 6.34
CA ALA A 49 7.18 -19.56 6.58
C ALA A 49 7.72 -20.85 6.00
N THR A 50 8.34 -20.75 4.84
CA THR A 50 8.82 -21.93 4.14
C THR A 50 9.99 -22.57 4.90
N LEU A 51 10.91 -21.75 5.38
CA LEU A 51 11.98 -22.28 6.22
C LEU A 51 11.45 -22.93 7.49
N LEU A 52 10.46 -22.32 8.16
CA LEU A 52 9.90 -22.92 9.34
C LEU A 52 9.20 -24.24 9.02
N SER A 53 8.60 -24.35 7.84
CA SER A 53 7.81 -25.53 7.46
C SER A 53 8.68 -26.80 7.26
N LYS A 54 10.00 -26.64 7.19
CA LYS A 54 10.89 -27.77 7.08
C LYS A 54 10.75 -28.72 8.28
N ASN A 55 10.53 -28.16 9.46
CA ASN A 55 10.40 -28.94 10.71
C ASN A 55 9.17 -28.63 11.56
N ASN A 56 8.19 -27.96 10.99
CA ASN A 56 7.06 -27.45 11.75
C ASN A 56 5.88 -27.48 10.82
N LYS A 57 4.69 -27.50 11.39
CA LYS A 57 3.48 -27.25 10.64
C LYS A 57 3.19 -25.76 10.79
N VAL A 58 3.04 -25.13 9.63
CA VAL A 58 2.94 -23.68 9.50
C VAL A 58 1.70 -23.29 8.74
N LEU A 59 0.99 -22.29 9.27
CA LEU A 59 -0.09 -21.57 8.58
C LEU A 59 0.36 -20.13 8.21
N LEU A 60 0.18 -19.79 6.95
CA LEU A 60 0.41 -18.47 6.42
C LEU A 60 -0.97 -17.89 6.23
N ILE A 61 -1.19 -16.69 6.74
CA ILE A 61 -2.45 -15.97 6.55
C ILE A 61 -2.16 -14.68 5.78
N ASP A 62 -2.77 -14.59 4.59
CA ASP A 62 -2.51 -13.49 3.67
C ASP A 62 -3.59 -12.44 3.93
N MET A 63 -3.28 -11.50 4.80
CA MET A 63 -4.21 -10.43 5.07
C MET A 63 -3.80 -9.17 4.32
N ASP A 64 -2.95 -9.25 3.30
CA ASP A 64 -2.63 -8.10 2.49
C ASP A 64 -3.62 -7.99 1.30
N THR A 65 -4.23 -6.82 1.12
CA THR A 65 -5.12 -6.59 -0.03
C THR A 65 -4.40 -6.88 -1.36
N GLN A 66 -3.10 -6.62 -1.42
CA GLN A 66 -2.28 -6.93 -2.58
C GLN A 66 -2.26 -8.42 -2.93
N ALA A 67 -2.37 -9.29 -1.92
CA ALA A 67 -2.58 -10.71 -2.21
C ALA A 67 -1.37 -11.33 -2.91
N SER A 68 -0.18 -10.78 -2.63
CA SER A 68 1.07 -11.30 -3.21
C SER A 68 1.37 -12.74 -2.75
N ILE A 69 1.00 -13.09 -1.54
CA ILE A 69 1.23 -14.46 -1.10
C ILE A 69 0.32 -15.41 -1.84
N THR A 70 -0.96 -15.06 -1.91
CA THR A 70 -1.94 -15.91 -2.59
C THR A 70 -1.57 -16.08 -4.10
N SER A 71 -1.06 -15.03 -4.69
CA SER A 71 -0.72 -15.08 -6.08
C SER A 71 0.55 -15.93 -6.30
N TYR A 72 1.49 -15.87 -5.38
CA TYR A 72 2.63 -16.78 -5.41
C TYR A 72 2.22 -18.25 -5.44
N PHE A 73 1.15 -18.62 -4.72
CA PHE A 73 0.70 -19.99 -4.62
C PHE A 73 -0.44 -20.31 -5.57
N TYR A 74 -0.80 -19.36 -6.41
CA TYR A 74 -1.97 -19.49 -7.29
C TYR A 74 -1.96 -20.75 -8.21
N GLU A 75 -0.80 -21.16 -8.72
CA GLU A 75 -0.73 -22.33 -9.60
C GLU A 75 -1.15 -23.57 -8.79
N LYS A 76 -0.61 -23.70 -7.59
CA LYS A 76 -1.01 -24.77 -6.72
C LYS A 76 -2.50 -24.66 -6.31
N ILE A 77 -2.97 -23.47 -5.97
CA ILE A 77 -4.39 -23.30 -5.60
C ILE A 77 -5.36 -23.67 -6.75
N GLU A 78 -5.05 -23.22 -7.97
CA GLU A 78 -5.87 -23.53 -9.17
C GLU A 78 -5.90 -25.05 -9.42
N LYS A 79 -4.74 -25.69 -9.37
CA LYS A 79 -4.67 -27.15 -9.54
C LYS A 79 -5.50 -27.95 -8.51
N LEU A 80 -5.65 -27.42 -7.30
CA LEU A 80 -6.43 -28.07 -6.25
C LEU A 80 -7.89 -27.70 -6.40
N GLY A 81 -8.20 -26.82 -7.35
CA GLY A 81 -9.56 -26.40 -7.62
C GLY A 81 -10.19 -25.63 -6.48
N ILE A 82 -9.38 -24.88 -5.72
CA ILE A 82 -9.95 -24.18 -4.56
C ILE A 82 -10.76 -22.97 -4.96
N ASN A 83 -11.94 -22.84 -4.36
CA ASN A 83 -12.80 -21.70 -4.52
C ASN A 83 -12.44 -20.59 -3.52
N PHE A 84 -11.35 -19.88 -3.77
CA PHE A 84 -10.94 -18.85 -2.83
C PHE A 84 -11.79 -17.55 -2.89
N THR A 85 -12.54 -17.42 -3.98
CA THR A 85 -13.60 -16.42 -4.14
C THR A 85 -14.61 -16.45 -2.99
N LYS A 86 -14.93 -17.65 -2.53
CA LYS A 86 -15.85 -17.82 -1.40
C LYS A 86 -15.13 -18.09 -0.04
N PHE A 87 -13.94 -18.72 -0.10
CA PHE A 87 -13.18 -19.13 1.11
C PHE A 87 -11.83 -18.37 1.20
N ASN A 88 -11.85 -17.24 1.93
CA ASN A 88 -10.72 -16.36 2.06
C ASN A 88 -10.79 -15.55 3.35
N ILE A 89 -9.71 -14.89 3.69
CA ILE A 89 -9.65 -14.15 4.95
C ILE A 89 -10.81 -13.13 5.14
N TYR A 90 -11.21 -12.41 4.09
CA TYR A 90 -12.29 -11.45 4.24
C TYR A 90 -13.58 -12.13 4.74
N GLU A 91 -13.89 -13.29 4.18
CA GLU A 91 -15.11 -13.98 4.54
C GLU A 91 -15.01 -14.56 5.94
N ILE A 92 -13.80 -14.89 6.36
CA ILE A 92 -13.63 -15.27 7.74
C ILE A 92 -13.96 -14.09 8.61
N LEU A 93 -13.39 -12.94 8.25
CA LEU A 93 -13.59 -11.71 8.99
C LEU A 93 -15.05 -11.27 9.07
N LYS A 94 -15.82 -11.49 7.99
CA LYS A 94 -17.24 -11.10 7.98
C LYS A 94 -18.13 -12.20 8.58
N GLU A 95 -17.53 -13.28 9.07
CA GLU A 95 -18.22 -14.48 9.59
C GLU A 95 -19.24 -15.08 8.65
N ASN A 96 -18.95 -15.01 7.35
CA ASN A 96 -19.73 -15.73 6.34
C ASN A 96 -19.26 -17.18 6.14
N VAL A 97 -18.02 -17.48 6.52
CA VAL A 97 -17.46 -18.85 6.44
C VAL A 97 -16.63 -19.15 7.68
N ASP A 98 -16.55 -20.41 8.09
CA ASP A 98 -15.64 -20.79 9.17
C ASP A 98 -14.20 -20.95 8.68
N ILE A 99 -13.26 -20.56 9.51
CA ILE A 99 -11.82 -20.62 9.20
C ILE A 99 -11.39 -22.01 8.73
N ASP A 100 -11.99 -23.05 9.33
CA ASP A 100 -11.68 -24.44 9.03
C ASP A 100 -11.91 -24.75 7.56
N SER A 101 -12.80 -23.99 6.93
CA SER A 101 -13.19 -24.23 5.55
C SER A 101 -12.26 -23.57 4.52
N THR A 102 -11.34 -22.73 4.97
CA THR A 102 -10.56 -21.89 4.06
C THR A 102 -9.10 -22.31 3.89
N ILE A 103 -8.71 -23.38 4.57
CA ILE A 103 -7.30 -23.73 4.73
C ILE A 103 -6.81 -24.58 3.59
N ILE A 104 -5.70 -24.17 2.99
CA ILE A 104 -5.14 -24.81 1.80
C ILE A 104 -3.69 -25.27 2.04
N ASN A 105 -3.48 -26.58 1.85
CA ASN A 105 -2.17 -27.19 1.89
C ASN A 105 -1.46 -26.82 0.63
N VAL A 106 -0.70 -25.73 0.63
CA VAL A 106 -0.06 -25.26 -0.60
C VAL A 106 1.37 -25.77 -0.81
N ASP A 107 1.97 -26.33 0.24
CA ASP A 107 3.34 -26.86 0.16
C ASP A 107 3.63 -27.75 1.38
N ASN A 108 4.77 -28.43 1.35
CA ASN A 108 5.16 -29.32 2.44
C ASN A 108 4.96 -28.71 3.83
N ASN A 109 4.08 -29.28 4.64
CA ASN A 109 3.83 -28.77 6.01
C ASN A 109 3.37 -27.32 6.05
N LEU A 110 2.92 -26.77 4.91
CA LEU A 110 2.57 -25.34 4.82
C LEU A 110 1.15 -25.19 4.33
N ASP A 111 0.35 -24.54 5.18
CA ASP A 111 -1.00 -24.17 4.88
C ASP A 111 -1.17 -22.63 4.70
N LEU A 112 -2.25 -22.27 4.00
CA LEU A 112 -2.56 -20.92 3.57
C LEU A 112 -4.04 -20.62 3.74
N ILE A 113 -4.34 -19.45 4.30
CA ILE A 113 -5.65 -18.84 4.20
C ILE A 113 -5.50 -17.71 3.20
N PRO A 114 -6.21 -17.79 2.07
CA PRO A 114 -5.83 -16.86 0.99
C PRO A 114 -6.49 -15.52 1.11
N SER A 115 -5.92 -14.55 0.43
CA SER A 115 -6.44 -13.21 0.38
C SER A 115 -7.27 -13.11 -0.90
N TYR A 116 -8.24 -12.19 -0.90
CA TYR A 116 -9.08 -11.92 -2.08
C TYR A 116 -9.46 -10.44 -2.06
N LEU A 117 -9.73 -9.88 -3.23
CA LEU A 117 -9.80 -8.44 -3.36
C LEU A 117 -10.96 -7.80 -2.58
N THR A 118 -11.97 -8.57 -2.20
CA THR A 118 -12.98 -8.08 -1.31
C THR A 118 -12.41 -7.64 0.03
N LEU A 119 -11.20 -8.09 0.40
CA LEU A 119 -10.56 -7.62 1.61
C LEU A 119 -10.44 -6.10 1.64
N HIS A 120 -10.31 -5.51 0.45
CA HIS A 120 -10.29 -4.04 0.30
C HIS A 120 -11.46 -3.34 0.98
N ASN A 121 -12.59 -4.00 1.07
CA ASN A 121 -13.75 -3.45 1.76
C ASN A 121 -13.66 -3.36 3.29
N PHE A 122 -12.74 -4.11 3.88
CA PHE A 122 -12.67 -4.28 5.32
C PHE A 122 -12.42 -2.98 6.09
N SER A 123 -11.53 -2.10 5.64
CA SER A 123 -11.28 -0.85 6.40
C SER A 123 -12.51 -0.01 6.68
N GLU A 124 -13.44 0.03 5.72
CA GLU A 124 -14.66 0.83 5.83
C GLU A 124 -15.83 0.07 6.41
N ASP A 125 -15.75 -1.25 6.48
CA ASP A 125 -16.85 -2.00 7.06
C ASP A 125 -17.11 -1.58 8.52
N LYS A 126 -18.37 -1.45 8.88
CA LYS A 126 -18.80 -1.14 10.25
C LYS A 126 -19.19 -2.46 10.92
N ILE A 127 -18.34 -2.90 11.86
CA ILE A 127 -18.53 -4.17 12.57
C ILE A 127 -18.23 -3.97 14.07
N GLU A 128 -19.05 -4.62 14.89
CA GLU A 128 -18.89 -4.64 16.34
C GLU A 128 -17.65 -5.46 16.68
N HIS A 129 -16.84 -4.93 17.59
CA HIS A 129 -15.65 -5.61 18.10
C HIS A 129 -14.71 -5.89 16.94
N LYS A 130 -14.65 -4.94 16.00
CA LYS A 130 -13.96 -5.14 14.72
C LYS A 130 -12.50 -5.61 14.84
N ASP A 131 -11.81 -5.08 15.86
CA ASP A 131 -10.38 -5.32 16.07
C ASP A 131 -10.03 -6.75 16.47
N PHE A 132 -11.01 -7.49 17.00
CA PHE A 132 -10.79 -8.80 17.62
C PHE A 132 -11.37 -9.91 16.78
N LEU A 133 -11.81 -9.61 15.55
CA LEU A 133 -12.35 -10.64 14.66
C LEU A 133 -11.34 -11.75 14.32
N LEU A 134 -10.10 -11.41 13.96
CA LEU A 134 -9.17 -12.48 13.66
C LEU A 134 -8.87 -13.30 14.94
N LYS A 135 -8.64 -12.62 16.05
CA LYS A 135 -8.42 -13.28 17.35
C LYS A 135 -9.53 -14.26 17.69
N THR A 136 -10.77 -13.80 17.56
CA THR A 136 -11.97 -14.60 17.81
C THR A 136 -12.01 -15.83 16.85
N SER A 137 -11.78 -15.60 15.55
CA SER A 137 -11.81 -16.73 14.61
C SER A 137 -10.68 -17.73 14.87
N LEU A 138 -9.48 -17.25 15.16
CA LEU A 138 -8.36 -18.14 15.52
C LEU A 138 -8.63 -18.93 16.80
N GLY A 139 -9.50 -18.40 17.64
CA GLY A 139 -9.93 -19.08 18.86
C GLY A 139 -10.79 -20.29 18.60
N THR A 140 -11.43 -20.36 17.43
CA THR A 140 -12.29 -21.48 17.13
C THR A 140 -11.58 -22.61 16.38
N LEU A 141 -10.43 -22.30 15.74
CA LEU A 141 -9.68 -23.20 14.84
C LEU A 141 -9.30 -24.53 15.48
N TYR A 142 -9.77 -25.63 14.88
CA TYR A 142 -9.49 -26.97 15.33
C TYR A 142 -8.00 -27.32 15.13
N TYR A 143 -7.47 -26.96 13.97
CA TYR A 143 -6.18 -27.44 13.57
C TYR A 143 -5.12 -26.67 14.30
N LYS A 144 -4.05 -27.38 14.65
CA LYS A 144 -3.00 -26.82 15.49
C LYS A 144 -1.76 -26.65 14.69
N TYR A 145 -1.17 -25.46 14.77
CA TYR A 145 0.08 -25.19 14.13
C TYR A 145 1.16 -24.85 15.12
N ASP A 146 2.39 -25.08 14.69
CA ASP A 146 3.55 -24.69 15.45
C ASP A 146 3.71 -23.18 15.30
N TYR A 147 3.58 -22.70 14.07
CA TYR A 147 3.69 -21.28 13.79
C TYR A 147 2.58 -20.84 12.85
N ILE A 148 2.08 -19.61 13.07
CA ILE A 148 1.16 -18.90 12.17
C ILE A 148 1.89 -17.62 11.78
N VAL A 149 2.00 -17.36 10.48
CA VAL A 149 2.69 -16.18 9.98
C VAL A 149 1.63 -15.42 9.23
N ILE A 150 1.44 -14.15 9.63
CA ILE A 150 0.39 -13.30 9.09
C ILE A 150 1.02 -12.15 8.30
N ASP A 151 0.73 -12.05 7.01
CA ASP A 151 1.18 -10.91 6.20
C ASP A 151 0.11 -9.83 6.24
N THR A 152 0.52 -8.57 6.25
CA THR A 152 -0.39 -7.41 6.40
C THR A 152 -0.16 -6.32 5.32
N ASN A 153 -1.12 -5.38 5.18
CA ASN A 153 -0.94 -4.20 4.29
C ASN A 153 0.10 -3.29 4.90
N PRO A 154 0.87 -2.55 4.09
CA PRO A 154 1.72 -1.54 4.72
C PRO A 154 0.94 -0.25 5.11
N SER A 155 0.14 -0.37 6.16
CA SER A 155 -0.71 0.70 6.68
C SER A 155 -0.95 0.38 8.12
N LEU A 156 -1.07 1.42 8.91
CA LEU A 156 -1.33 1.27 10.30
C LEU A 156 -2.84 1.29 10.39
N ASP A 157 -3.46 0.21 9.95
CA ASP A 157 -4.90 0.19 9.79
C ASP A 157 -5.57 -0.85 10.66
N VAL A 158 -6.86 -1.06 10.44
CA VAL A 158 -7.61 -2.04 11.22
C VAL A 158 -7.23 -3.53 11.00
N THR A 159 -6.74 -3.87 9.81
CA THR A 159 -6.19 -5.18 9.49
C THR A 159 -4.95 -5.40 10.37
N LEU A 160 -4.07 -4.42 10.41
CA LEU A 160 -2.87 -4.58 11.22
C LEU A 160 -3.25 -4.78 12.71
N LYS A 161 -4.34 -4.16 13.17
CA LYS A 161 -4.81 -4.31 14.52
C LYS A 161 -5.30 -5.72 14.74
N ASN A 162 -6.04 -6.27 13.80
CA ASN A 162 -6.51 -7.64 13.92
C ASN A 162 -5.36 -8.64 14.07
N ALA A 163 -4.32 -8.45 13.29
CA ALA A 163 -3.08 -9.25 13.35
C ALA A 163 -2.35 -9.08 14.68
N LEU A 164 -2.09 -7.83 15.08
CA LEU A 164 -1.31 -7.58 16.28
C LEU A 164 -1.99 -8.10 17.53
N LEU A 165 -3.28 -7.87 17.67
CA LEU A 165 -4.01 -8.35 18.82
C LEU A 165 -4.07 -9.89 18.88
N CYS A 166 -3.59 -10.56 17.83
CA CYS A 166 -3.51 -12.01 17.75
C CYS A 166 -2.14 -12.50 18.12
N SER A 167 -1.16 -11.62 18.02
CA SER A 167 0.21 -12.06 17.81
C SER A 167 1.01 -12.25 19.08
N ASP A 168 2.10 -13.00 18.93
CA ASP A 168 3.17 -13.13 19.94
C ASP A 168 4.40 -12.35 19.54
N TYR A 169 4.63 -12.22 18.24
CA TYR A 169 5.83 -11.56 17.75
C TYR A 169 5.52 -10.77 16.47
N VAL A 170 6.37 -9.81 16.16
CA VAL A 170 6.35 -9.09 14.91
C VAL A 170 7.76 -9.01 14.33
N ILE A 171 7.84 -9.14 13.00
CA ILE A 171 9.07 -8.94 12.27
C ILE A 171 8.82 -7.86 11.24
N ILE A 172 9.71 -6.88 11.19
CA ILE A 172 9.58 -5.74 10.31
C ILE A 172 10.77 -5.72 9.35
N PRO A 173 10.55 -6.11 8.08
CA PRO A 173 11.55 -5.92 7.07
C PRO A 173 11.46 -4.48 6.66
N MET A 174 12.60 -3.80 6.64
CA MET A 174 12.65 -2.38 6.40
C MET A 174 13.95 -2.04 5.69
N THR A 175 13.96 -0.94 4.96
CA THR A 175 15.12 -0.58 4.16
C THR A 175 15.77 0.68 4.68
N ALA A 176 17.00 0.93 4.25
CA ALA A 176 17.79 2.06 4.78
C ALA A 176 17.44 3.28 3.94
N GLU A 177 16.25 3.81 4.20
CA GLU A 177 15.78 4.97 3.47
C GLU A 177 15.55 6.12 4.45
N LYS A 178 15.24 7.30 3.91
CA LYS A 178 15.06 8.44 4.80
C LYS A 178 13.82 8.09 5.60
N TRP A 179 13.88 8.37 6.90
CA TRP A 179 12.77 8.20 7.83
C TRP A 179 12.64 6.78 8.39
N ALA A 180 13.71 5.99 8.31
CA ALA A 180 13.72 4.63 8.85
C ALA A 180 13.52 4.61 10.36
N VAL A 181 14.28 5.41 11.10
CA VAL A 181 14.13 5.48 12.56
C VAL A 181 12.73 5.94 12.91
N GLU A 182 12.31 7.06 12.30
CA GLU A 182 11.01 7.66 12.60
C GLU A 182 9.87 6.70 12.38
N SER A 183 9.99 5.82 11.40
CA SER A 183 8.92 4.89 11.07
C SER A 183 8.81 3.84 12.13
N LEU A 184 9.95 3.50 12.73
CA LEU A 184 9.99 2.57 13.84
C LEU A 184 9.24 3.10 15.03
N ASP A 185 9.57 4.33 15.40
CA ASP A 185 8.84 5.00 16.48
C ASP A 185 7.36 5.07 16.15
N LEU A 186 7.03 5.34 14.89
CA LEU A 186 5.62 5.42 14.52
C LEU A 186 4.92 4.09 14.77
N PHE A 187 5.53 3.02 14.31
CA PHE A 187 4.96 1.69 14.50
C PHE A 187 4.84 1.34 16.00
N ASN A 188 5.88 1.65 16.79
CA ASN A 188 5.90 1.31 18.23
C ASN A 188 4.79 2.04 18.89
N PHE A 189 4.65 3.33 18.54
CA PHE A 189 3.59 4.13 19.15
C PHE A 189 2.25 3.46 18.92
N PHE A 190 2.05 2.89 17.73
CA PHE A 190 0.77 2.35 17.35
C PHE A 190 0.48 1.12 18.20
N VAL A 191 1.53 0.35 18.46
CA VAL A 191 1.42 -0.90 19.18
C VAL A 191 1.12 -0.59 20.63
N ARG A 192 1.84 0.39 21.18
CA ARG A 192 1.65 0.87 22.56
C ARG A 192 0.22 1.28 22.80
N LYS A 193 -0.37 1.91 21.78
CA LYS A 193 -1.75 2.39 21.79
C LYS A 193 -2.71 1.22 21.93
N LEU A 194 -2.36 0.07 21.38
CA LEU A 194 -3.19 -1.15 21.54
C LEU A 194 -2.93 -1.84 22.88
N ASN A 195 -2.09 -1.23 23.73
CA ASN A 195 -1.76 -1.73 25.06
C ASN A 195 -1.15 -3.14 25.00
N LEU A 196 -0.28 -3.33 24.00
CA LEU A 196 0.38 -4.60 23.76
C LEU A 196 1.85 -4.53 24.14
N PHE A 197 2.41 -5.71 24.47
CA PHE A 197 3.80 -5.85 24.88
C PHE A 197 4.42 -6.92 24.00
N LEU A 198 4.67 -6.53 22.77
CA LEU A 198 5.08 -7.44 21.73
C LEU A 198 6.53 -7.21 21.45
N PRO A 199 7.33 -8.29 21.41
CA PRO A 199 8.64 -8.16 20.78
C PRO A 199 8.49 -7.82 19.31
N ILE A 200 9.18 -6.79 18.86
CA ILE A 200 9.21 -6.40 17.47
C ILE A 200 10.63 -6.53 16.92
N PHE A 201 10.83 -7.46 16.01
CA PHE A 201 12.14 -7.75 15.47
C PHE A 201 12.34 -7.01 14.17
N LEU A 202 13.60 -6.70 13.86
CA LEU A 202 13.95 -5.88 12.73
C LEU A 202 14.90 -6.61 11.78
N ILE A 203 14.63 -6.43 10.48
CA ILE A 203 15.46 -6.97 9.42
C ILE A 203 15.72 -5.87 8.41
N ILE A 204 16.96 -5.69 7.99
CA ILE A 204 17.24 -4.71 6.97
C ILE A 204 17.29 -5.42 5.64
N THR A 205 16.32 -5.12 4.78
CA THR A 205 16.24 -5.77 3.47
C THR A 205 16.85 -4.87 2.43
N ARG A 206 17.04 -5.43 1.24
CA ARG A 206 17.67 -4.74 0.11
C ARG A 206 19.01 -4.15 0.53
N PHE A 207 19.69 -4.85 1.44
CA PHE A 207 20.91 -4.35 2.03
C PHE A 207 22.07 -4.29 1.02
N LYS A 208 22.86 -3.23 1.09
CA LYS A 208 24.09 -3.08 0.28
C LYS A 208 25.18 -2.57 1.21
N LYS A 209 26.42 -3.01 1.01
CA LYS A 209 27.52 -2.56 1.85
C LYS A 209 27.95 -1.14 1.38
N ASN A 210 27.11 -0.16 1.73
CA ASN A 210 27.30 1.26 1.32
C ASN A 210 27.05 2.22 2.49
N ARG A 211 27.18 3.52 2.25
CA ARG A 211 27.16 4.52 3.34
C ARG A 211 25.82 4.56 4.08
N THR A 212 24.73 4.67 3.33
CA THR A 212 23.41 4.93 3.93
C THR A 212 22.97 3.74 4.81
N HIS A 213 23.27 2.53 4.35
CA HIS A 213 22.99 1.30 5.13
C HIS A 213 23.82 1.20 6.43
N LYS A 214 25.06 1.74 6.39
CA LYS A 214 25.94 1.77 7.56
C LYS A 214 25.34 2.66 8.66
N THR A 215 24.77 3.78 8.25
CA THR A 215 24.10 4.64 9.21
C THR A 215 22.92 3.94 9.89
N LEU A 216 22.04 3.30 9.11
CA LEU A 216 20.90 2.58 9.68
C LEU A 216 21.34 1.39 10.52
N PHE A 217 22.28 0.60 9.96
CA PHE A 217 22.77 -0.62 10.60
C PHE A 217 23.39 -0.33 11.96
N GLU A 218 24.13 0.78 12.06
CA GLU A 218 24.82 1.14 13.30
C GLU A 218 23.85 1.49 14.41
N ILE A 219 22.78 2.18 14.05
CA ILE A 219 21.70 2.47 14.98
C ILE A 219 20.99 1.19 15.37
N LEU A 220 20.70 0.35 14.38
CA LEU A 220 19.90 -0.87 14.61
C LEU A 220 20.67 -1.98 15.34
N LYS A 221 21.97 -2.11 15.04
CA LYS A 221 22.76 -3.26 15.45
C LYS A 221 22.76 -3.43 16.97
N THR A 222 22.56 -2.33 17.70
CA THR A 222 22.56 -2.38 19.17
C THR A 222 21.21 -2.67 19.79
N LYS A 223 20.15 -2.74 18.96
CA LYS A 223 18.85 -3.17 19.47
C LYS A 223 18.91 -4.67 19.69
N ASP A 224 18.39 -5.14 20.82
CA ASP A 224 18.33 -6.59 21.07
C ASP A 224 17.43 -7.34 20.08
N ARG A 225 16.41 -6.64 19.55
CA ARG A 225 15.48 -7.23 18.60
C ARG A 225 15.93 -7.17 17.13
N PHE A 226 17.13 -6.67 16.86
CA PHE A 226 17.65 -6.67 15.49
C PHE A 226 18.10 -8.08 15.11
N LEU A 227 17.68 -8.54 13.92
CA LEU A 227 17.95 -9.90 13.47
C LEU A 227 19.06 -10.00 12.45
N GLY A 228 19.26 -8.97 11.64
CA GLY A 228 20.24 -9.05 10.58
C GLY A 228 19.82 -8.48 9.25
N THR A 229 20.53 -8.90 8.20
CA THR A 229 20.43 -8.25 6.91
C THR A 229 20.18 -9.27 5.83
N ILE A 230 19.39 -8.87 4.83
CA ILE A 230 19.18 -9.61 3.58
C ILE A 230 19.65 -8.74 2.44
N SER A 231 20.65 -9.21 1.70
CA SER A 231 21.24 -8.44 0.61
C SER A 231 20.23 -8.26 -0.47
N GLU A 232 20.42 -7.22 -1.29
CA GLU A 232 19.71 -7.11 -2.55
C GLU A 232 20.08 -8.33 -3.43
N ARG A 233 19.08 -9.02 -3.97
CA ARG A 233 19.34 -10.11 -4.93
C ARG A 233 18.30 -10.04 -6.07
N GLU A 234 18.76 -9.71 -7.28
CA GLU A 234 17.88 -9.30 -8.41
C GLU A 234 16.66 -10.22 -8.67
N ASN A 249 19.10 -22.99 -1.25
CA ASN A 249 20.47 -23.17 -1.77
C ASN A 249 21.12 -21.87 -2.30
N LYS A 250 20.32 -20.90 -2.73
CA LYS A 250 20.87 -19.63 -3.22
C LYS A 250 21.46 -18.83 -2.04
N ASP A 251 22.12 -17.71 -2.35
CA ASP A 251 22.64 -16.83 -1.30
C ASP A 251 21.50 -16.16 -0.49
N TYR A 252 20.37 -15.88 -1.13
CA TYR A 252 19.27 -15.22 -0.42
C TYR A 252 18.66 -16.11 0.64
N ILE A 253 18.44 -17.38 0.30
CA ILE A 253 17.88 -18.32 1.27
C ILE A 253 18.74 -18.40 2.53
N LYS A 254 20.05 -18.56 2.34
CA LYS A 254 21.00 -18.63 3.45
C LYS A 254 20.92 -17.40 4.34
N GLU A 255 20.82 -16.21 3.73
CA GLU A 255 20.63 -15.02 4.54
C GLU A 255 19.34 -15.10 5.37
N TYR A 256 18.25 -15.60 4.77
CA TYR A 256 17.01 -15.78 5.52
C TYR A 256 17.16 -16.81 6.64
N GLU A 257 17.84 -17.91 6.37
CA GLU A 257 18.09 -18.98 7.39
C GLU A 257 18.82 -18.42 8.60
N ASN A 258 19.81 -17.60 8.32
CA ASN A 258 20.53 -16.86 9.34
C ASN A 258 19.61 -16.05 10.25
N ILE A 259 18.79 -15.25 9.61
CA ILE A 259 17.76 -14.45 10.28
C ILE A 259 16.90 -15.32 11.17
N LEU A 260 16.42 -16.43 10.62
CA LEU A 260 15.53 -17.31 11.38
C LEU A 260 16.27 -17.84 12.60
N GLU A 261 17.49 -18.30 12.36
CA GLU A 261 18.30 -18.84 13.42
C GLU A 261 18.33 -17.84 14.58
N ILE A 262 18.71 -16.60 14.30
CA ILE A 262 18.79 -15.59 15.36
C ILE A 262 17.41 -15.35 15.98
N PHE A 263 16.39 -15.21 15.13
CA PHE A 263 15.01 -15.07 15.60
C PHE A 263 14.66 -16.12 16.64
N LEU A 264 14.94 -17.39 16.33
CA LEU A 264 14.58 -18.49 17.24
C LEU A 264 15.42 -18.49 18.50
N LYS A 265 16.64 -17.97 18.45
CA LYS A 265 17.46 -17.80 19.68
C LYS A 265 16.90 -16.74 20.65
N LYS A 266 16.15 -15.76 20.13
CA LYS A 266 15.62 -14.69 20.97
C LYS A 266 14.17 -14.91 21.42
N ILE A 267 13.55 -16.02 21.03
CA ILE A 267 12.22 -16.36 21.56
C ILE A 267 12.29 -17.67 22.34
N LYS B 25 -10.50 30.49 -14.68
CA LYS B 25 -11.76 29.74 -14.34
C LYS B 25 -11.78 29.34 -12.85
N LYS B 26 -11.52 28.04 -12.60
CA LYS B 26 -11.34 27.46 -11.25
C LYS B 26 -10.36 26.29 -11.43
N PRO B 27 -9.72 25.82 -10.35
CA PRO B 27 -8.84 24.67 -10.58
C PRO B 27 -9.62 23.43 -10.99
N LYS B 28 -9.08 22.67 -11.91
CA LYS B 28 -9.57 21.31 -12.15
C LYS B 28 -8.80 20.36 -11.24
N ILE B 29 -9.51 19.54 -10.46
CA ILE B 29 -8.90 18.70 -9.44
C ILE B 29 -9.02 17.22 -9.85
N ILE B 30 -7.87 16.58 -10.06
CA ILE B 30 -7.76 15.20 -10.50
C ILE B 30 -7.12 14.37 -9.36
N THR B 31 -7.80 13.29 -8.96
CA THR B 31 -7.21 12.26 -8.09
C THR B 31 -6.72 11.12 -8.98
N ILE B 32 -5.46 10.73 -8.77
CA ILE B 32 -4.90 9.53 -9.39
C ILE B 32 -5.09 8.45 -8.32
N ALA B 33 -5.78 7.37 -8.67
CA ALA B 33 -6.13 6.35 -7.69
C ALA B 33 -5.90 4.95 -8.27
N SER B 34 -5.72 3.97 -7.40
CA SER B 34 -5.65 2.55 -7.77
C SER B 34 -5.73 1.71 -6.53
N ILE B 35 -6.41 0.58 -6.59
CA ILE B 35 -6.45 -0.26 -5.43
C ILE B 35 -5.46 -1.41 -5.55
N LYS B 36 -4.57 -1.33 -6.54
CA LYS B 36 -3.40 -2.19 -6.56
C LYS B 36 -2.13 -1.36 -6.56
N GLY B 37 -1.21 -1.72 -5.67
CA GLY B 37 0.12 -1.11 -5.62
C GLY B 37 1.02 -1.52 -6.78
N GLY B 38 2.12 -0.78 -6.96
CA GLY B 38 3.13 -1.08 -7.98
C GLY B 38 2.64 -1.02 -9.42
N VAL B 39 1.57 -0.27 -9.68
CA VAL B 39 1.03 -0.11 -11.04
C VAL B 39 1.35 1.26 -11.70
N GLY B 40 2.32 2.02 -11.16
CA GLY B 40 2.70 3.34 -11.71
C GLY B 40 1.70 4.46 -11.41
N LYS B 41 0.99 4.34 -10.30
CA LYS B 41 0.07 5.41 -9.89
C LYS B 41 0.83 6.72 -9.64
N SER B 42 1.90 6.65 -8.87
CA SER B 42 2.59 7.84 -8.43
C SER B 42 3.38 8.43 -9.59
N THR B 43 4.08 7.56 -10.31
CA THR B 43 4.80 7.94 -11.51
C THR B 43 3.86 8.63 -12.50
N SER B 44 2.65 8.11 -12.67
CA SER B 44 1.66 8.73 -13.53
C SER B 44 1.27 10.12 -13.06
N ALA B 45 1.10 10.26 -11.75
CA ALA B 45 0.74 11.52 -11.15
C ALA B 45 1.83 12.51 -11.45
N ILE B 46 3.07 12.06 -11.31
CA ILE B 46 4.21 12.95 -11.50
C ILE B 46 4.35 13.44 -12.96
N ILE B 47 4.29 12.51 -13.89
CA ILE B 47 4.47 12.85 -15.29
C ILE B 47 3.28 13.67 -15.81
N LEU B 48 2.06 13.34 -15.45
CA LEU B 48 0.90 14.09 -15.97
C LEU B 48 0.93 15.53 -15.46
N ALA B 49 1.27 15.70 -14.18
CA ALA B 49 1.38 17.01 -13.59
C ALA B 49 2.55 17.79 -14.20
N THR B 50 3.64 17.08 -14.53
CA THR B 50 4.79 17.73 -15.12
C THR B 50 4.49 18.21 -16.52
N LEU B 51 3.81 17.39 -17.31
CA LEU B 51 3.36 17.78 -18.63
C LEU B 51 2.39 18.97 -18.58
N LEU B 52 1.38 18.90 -17.71
CA LEU B 52 0.44 19.99 -17.52
C LEU B 52 1.17 21.28 -17.17
N SER B 53 2.33 21.14 -16.52
CA SER B 53 3.02 22.28 -15.97
C SER B 53 3.74 23.11 -17.04
N LYS B 54 3.90 22.56 -18.24
CA LYS B 54 4.54 23.32 -19.32
C LYS B 54 3.79 24.65 -19.59
N ASN B 55 2.45 24.59 -19.56
CA ASN B 55 1.55 25.69 -19.92
CA ASN B 55 1.58 25.74 -19.88
C ASN B 55 0.53 25.99 -18.82
N ASN B 56 0.79 25.59 -17.59
CA ASN B 56 -0.22 25.74 -16.53
C ASN B 56 0.42 25.80 -15.18
N LYS B 57 -0.21 26.49 -14.25
CA LYS B 57 0.22 26.36 -12.88
C LYS B 57 -0.46 25.16 -12.27
N VAL B 58 0.36 24.24 -11.73
CA VAL B 58 -0.11 22.95 -11.23
C VAL B 58 0.34 22.70 -9.77
N LEU B 59 -0.58 22.19 -8.96
CA LEU B 59 -0.32 21.75 -7.60
C LEU B 59 -0.40 20.25 -7.53
N LEU B 60 0.61 19.64 -6.93
CA LEU B 60 0.62 18.21 -6.71
C LEU B 60 0.38 18.01 -5.19
N ILE B 61 -0.56 17.15 -4.82
CA ILE B 61 -0.78 16.87 -3.40
C ILE B 61 -0.46 15.41 -3.07
N ASP B 62 0.64 15.21 -2.36
CA ASP B 62 1.04 13.87 -2.03
C ASP B 62 0.28 13.41 -0.81
N MET B 63 -0.83 12.71 -1.05
CA MET B 63 -1.64 12.08 0.00
C MET B 63 -1.47 10.54 0.03
N ASP B 64 -0.37 10.02 -0.50
CA ASP B 64 -0.02 8.61 -0.30
C ASP B 64 0.90 8.45 0.91
N THR B 65 0.58 7.50 1.79
CA THR B 65 1.45 7.21 2.93
C THR B 65 2.84 6.82 2.47
N GLN B 66 2.95 6.21 1.28
CA GLN B 66 4.26 5.88 0.69
C GLN B 66 5.15 7.07 0.42
N ALA B 67 4.56 8.25 0.18
CA ALA B 67 5.30 9.50 -0.08
C ALA B 67 6.29 9.42 -1.24
N SER B 68 5.96 8.65 -2.28
CA SER B 68 6.84 8.54 -3.48
C SER B 68 7.02 9.85 -4.23
N ILE B 69 5.99 10.67 -4.27
CA ILE B 69 6.10 11.94 -5.01
C ILE B 69 7.09 12.85 -4.28
N THR B 70 6.92 12.95 -2.97
CA THR B 70 7.78 13.77 -2.11
C THR B 70 9.21 13.26 -2.15
N SER B 71 9.34 11.94 -2.18
CA SER B 71 10.64 11.33 -2.19
C SER B 71 11.32 11.61 -3.54
N TYR B 72 10.58 11.55 -4.62
CA TYR B 72 11.10 11.93 -5.93
C TYR B 72 11.65 13.39 -5.96
N PHE B 73 10.99 14.32 -5.26
CA PHE B 73 11.46 15.72 -5.22
C PHE B 73 12.31 16.04 -3.99
N TYR B 74 12.74 15.02 -3.26
CA TYR B 74 13.36 15.27 -1.98
C TYR B 74 14.65 16.09 -2.08
N GLU B 75 15.45 15.79 -3.09
CA GLU B 75 16.70 16.52 -3.31
C GLU B 75 16.43 18.04 -3.40
N LYS B 76 15.43 18.44 -4.21
CA LYS B 76 15.01 19.87 -4.25
C LYS B 76 14.40 20.34 -2.93
N ILE B 77 13.55 19.54 -2.30
CA ILE B 77 12.98 19.93 -1.01
C ILE B 77 14.05 20.21 0.02
N GLU B 78 15.10 19.38 0.02
CA GLU B 78 16.16 19.53 1.01
C GLU B 78 17.03 20.76 0.73
N LYS B 79 17.37 20.98 -0.55
CA LYS B 79 18.11 22.16 -0.96
C LYS B 79 17.38 23.43 -0.50
N LEU B 80 16.06 23.40 -0.52
CA LEU B 80 15.23 24.54 -0.05
C LEU B 80 15.12 24.61 1.47
N GLY B 81 15.55 23.58 2.18
CA GLY B 81 15.55 23.59 3.67
C GLY B 81 14.18 23.45 4.35
N ILE B 82 13.20 22.87 3.66
CA ILE B 82 11.83 22.84 4.19
C ILE B 82 11.65 21.86 5.36
N ASN B 83 10.83 22.24 6.34
CA ASN B 83 10.51 21.39 7.45
C ASN B 83 9.17 20.75 7.19
N PHE B 84 9.20 19.68 6.44
CA PHE B 84 7.97 19.03 6.11
C PHE B 84 7.59 17.97 7.14
N THR B 85 8.40 17.84 8.19
CA THR B 85 7.96 17.12 9.40
C THR B 85 6.80 17.84 10.03
N LYS B 86 6.72 19.17 9.92
CA LYS B 86 5.63 19.96 10.50
C LYS B 86 4.66 20.51 9.44
N PHE B 87 5.18 20.77 8.24
CA PHE B 87 4.37 21.35 7.14
C PHE B 87 4.07 20.31 6.05
N ASN B 88 2.97 19.61 6.22
CA ASN B 88 2.67 18.50 5.37
C ASN B 88 1.20 18.22 5.36
N ILE B 89 0.81 17.36 4.43
CA ILE B 89 -0.59 17.01 4.22
C ILE B 89 -1.33 16.52 5.49
N TYR B 90 -0.66 15.76 6.33
CA TYR B 90 -1.29 15.24 7.55
C TYR B 90 -1.61 16.39 8.48
N GLU B 91 -0.64 17.25 8.68
CA GLU B 91 -0.82 18.42 9.54
C GLU B 91 -1.93 19.34 9.05
N ILE B 92 -2.21 19.33 7.75
CA ILE B 92 -3.34 20.07 7.22
C ILE B 92 -4.63 19.44 7.65
N LEU B 93 -4.70 18.13 7.44
CA LEU B 93 -5.91 17.38 7.69
C LEU B 93 -6.26 17.49 9.16
N LYS B 94 -5.25 17.59 10.03
CA LYS B 94 -5.44 17.80 11.46
C LYS B 94 -5.56 19.29 11.86
N GLU B 95 -5.62 20.21 10.90
CA GLU B 95 -5.82 21.65 11.19
C GLU B 95 -4.77 22.19 12.17
N ASN B 96 -3.56 21.64 12.13
CA ASN B 96 -2.44 22.17 12.89
C ASN B 96 -1.67 23.25 12.12
N VAL B 97 -1.76 23.27 10.78
CA VAL B 97 -1.14 24.33 9.98
C VAL B 97 -2.06 24.78 8.87
N ASP B 98 -1.83 25.97 8.36
CA ASP B 98 -2.53 26.37 7.17
C ASP B 98 -1.90 25.75 5.92
N ILE B 99 -2.75 25.29 5.01
CA ILE B 99 -2.39 24.78 3.70
C ILE B 99 -1.41 25.69 2.92
N ASP B 100 -1.59 27.02 2.99
CA ASP B 100 -0.74 27.99 2.27
C ASP B 100 0.73 27.83 2.64
N SER B 101 0.98 27.62 3.91
CA SER B 101 2.30 27.47 4.42
C SER B 101 2.99 26.12 4.07
N THR B 102 2.23 25.17 3.53
CA THR B 102 2.78 23.82 3.22
C THR B 102 3.29 23.70 1.81
N ILE B 103 2.99 24.70 0.99
CA ILE B 103 3.18 24.59 -0.45
C ILE B 103 4.64 24.81 -0.83
N ILE B 104 5.20 23.84 -1.56
CA ILE B 104 6.56 23.89 -2.08
C ILE B 104 6.60 23.93 -3.61
N ASN B 105 7.29 24.93 -4.14
CA ASN B 105 7.60 25.11 -5.55
C ASN B 105 8.76 24.18 -5.88
N VAL B 106 8.45 23.06 -6.51
CA VAL B 106 9.45 22.00 -6.70
C VAL B 106 10.03 22.00 -8.14
N ASP B 107 9.29 22.55 -9.07
CA ASP B 107 9.77 22.64 -10.44
C ASP B 107 9.06 23.78 -11.12
N ASN B 108 9.43 24.03 -12.37
CA ASN B 108 8.76 25.00 -13.22
C ASN B 108 7.24 24.89 -13.19
N ASN B 109 6.57 25.94 -12.70
CA ASN B 109 5.11 26.00 -12.58
C ASN B 109 4.51 24.85 -11.74
N LEU B 110 5.34 24.24 -10.90
CA LEU B 110 4.90 23.02 -10.22
C LEU B 110 5.11 23.14 -8.74
N ASP B 111 4.00 23.08 -8.00
CA ASP B 111 4.00 23.07 -6.53
C ASP B 111 3.61 21.68 -5.98
N LEU B 112 3.96 21.50 -4.72
CA LEU B 112 3.82 20.22 -4.02
C LEU B 112 3.38 20.47 -2.58
N ILE B 113 2.37 19.73 -2.13
CA ILE B 113 2.10 19.60 -0.71
C ILE B 113 2.60 18.23 -0.35
N PRO B 114 3.63 18.16 0.49
CA PRO B 114 4.30 16.89 0.76
C PRO B 114 3.61 15.94 1.73
N SER B 115 4.00 14.67 1.65
CA SER B 115 3.56 13.65 2.58
C SER B 115 4.66 13.38 3.56
N TYR B 116 4.28 12.99 4.75
CA TYR B 116 5.20 12.58 5.79
C TYR B 116 4.59 11.38 6.52
N LEU B 117 5.46 10.54 7.06
CA LEU B 117 5.03 9.25 7.65
C LEU B 117 3.85 9.32 8.64
N THR B 118 3.64 10.46 9.30
CA THR B 118 2.56 10.62 10.25
C THR B 118 1.21 10.55 9.58
N LEU B 119 1.14 10.72 8.25
CA LEU B 119 -0.12 10.52 7.53
C LEU B 119 -0.68 9.14 7.83
N HIS B 120 0.17 8.22 8.27
CA HIS B 120 -0.25 6.85 8.56
C HIS B 120 -1.27 6.79 9.68
N ASN B 121 -1.20 7.73 10.63
CA ASN B 121 -2.15 7.73 11.72
C ASN B 121 -3.54 8.24 11.34
N PHE B 122 -3.69 8.81 10.14
CA PHE B 122 -4.97 9.42 9.76
C PHE B 122 -6.12 8.42 9.70
N SER B 123 -5.86 7.21 9.22
CA SER B 123 -6.93 6.19 9.18
C SER B 123 -7.57 5.92 10.55
N GLU B 124 -6.77 6.00 11.62
CA GLU B 124 -7.25 5.68 12.97
C GLU B 124 -7.66 6.91 13.83
N ASP B 125 -7.31 8.14 13.44
CA ASP B 125 -7.76 9.33 14.17
C ASP B 125 -9.27 9.42 14.13
N LYS B 126 -9.86 9.92 15.19
CA LYS B 126 -11.30 10.05 15.32
C LYS B 126 -11.58 11.55 15.25
N ILE B 127 -12.32 11.94 14.21
CA ILE B 127 -12.42 13.33 13.80
C ILE B 127 -13.78 13.53 13.22
N GLU B 128 -14.38 14.65 13.59
CA GLU B 128 -15.69 15.00 13.06
C GLU B 128 -15.60 15.42 11.57
N HIS B 129 -16.58 15.01 10.78
CA HIS B 129 -16.68 15.40 9.39
C HIS B 129 -15.38 15.03 8.67
N LYS B 130 -14.85 13.87 9.02
CA LYS B 130 -13.50 13.51 8.64
C LYS B 130 -13.32 13.39 7.11
N ASP B 131 -14.37 12.99 6.42
CA ASP B 131 -14.34 12.79 4.98
C ASP B 131 -14.15 14.09 4.19
N PHE B 132 -14.56 15.20 4.78
CA PHE B 132 -14.52 16.49 4.12
C PHE B 132 -13.34 17.34 4.54
N LEU B 133 -12.39 16.79 5.30
CA LEU B 133 -11.28 17.61 5.79
C LEU B 133 -10.50 18.22 4.63
N LEU B 134 -10.23 17.43 3.60
CA LEU B 134 -9.43 17.95 2.50
C LEU B 134 -10.22 19.00 1.71
N LYS B 135 -11.49 18.73 1.43
CA LYS B 135 -12.34 19.70 0.76
C LYS B 135 -12.43 21.02 1.50
N THR B 136 -12.54 20.96 2.83
CA THR B 136 -12.60 22.14 3.65
C THR B 136 -11.31 22.91 3.57
N SER B 137 -10.21 22.19 3.74
CA SER B 137 -8.89 22.84 3.65
C SER B 137 -8.68 23.51 2.29
N LEU B 138 -9.03 22.84 1.20
CA LEU B 138 -8.93 23.40 -0.14
C LEU B 138 -9.76 24.66 -0.28
N GLY B 139 -10.77 24.82 0.57
CA GLY B 139 -11.55 26.05 0.59
C GLY B 139 -10.87 27.19 1.31
N THR B 140 -9.78 26.93 2.03
CA THR B 140 -8.96 27.98 2.65
C THR B 140 -7.65 28.31 1.88
N LEU B 141 -7.40 27.60 0.79
CA LEU B 141 -6.25 27.88 -0.06
C LEU B 141 -6.39 29.24 -0.78
N TYR B 142 -5.41 30.12 -0.59
CA TYR B 142 -5.35 31.40 -1.30
C TYR B 142 -4.93 31.20 -2.75
N TYR B 143 -3.91 30.36 -2.93
CA TYR B 143 -3.29 30.23 -4.24
C TYR B 143 -4.24 29.62 -5.23
N LYS B 144 -4.16 30.07 -6.48
CA LYS B 144 -5.01 29.54 -7.53
C LYS B 144 -4.22 28.77 -8.56
N TYR B 145 -4.64 27.53 -8.78
CA TYR B 145 -3.99 26.67 -9.76
C TYR B 145 -4.92 26.39 -10.92
N ASP B 146 -4.33 26.05 -12.06
CA ASP B 146 -5.09 25.53 -13.19
C ASP B 146 -5.48 24.07 -12.95
N TYR B 147 -4.52 23.25 -12.51
CA TYR B 147 -4.82 21.88 -12.10
C TYR B 147 -4.18 21.50 -10.75
N ILE B 148 -4.88 20.61 -10.05
CA ILE B 148 -4.45 20.04 -8.80
C ILE B 148 -4.54 18.53 -9.04
N VAL B 149 -3.42 17.85 -8.86
CA VAL B 149 -3.32 16.43 -9.08
C VAL B 149 -3.05 15.81 -7.72
N ILE B 150 -3.92 14.91 -7.28
CA ILE B 150 -3.84 14.36 -5.91
C ILE B 150 -3.48 12.89 -5.96
N ASP B 151 -2.37 12.54 -5.35
CA ASP B 151 -1.94 11.14 -5.30
C ASP B 151 -2.45 10.54 -3.98
N THR B 152 -2.94 9.29 -4.05
CA THR B 152 -3.65 8.59 -2.93
C THR B 152 -3.04 7.22 -2.60
N ASN B 153 -3.39 6.59 -1.47
CA ASN B 153 -2.84 5.26 -1.25
C ASN B 153 -3.73 4.22 -1.90
N PRO B 154 -3.14 3.08 -2.30
CA PRO B 154 -3.95 2.05 -2.91
C PRO B 154 -4.79 1.31 -1.91
N SER B 155 -5.82 1.98 -1.44
CA SER B 155 -6.76 1.44 -0.46
C SER B 155 -8.05 2.13 -0.64
N LEU B 156 -9.14 1.44 -0.37
CA LEU B 156 -10.47 2.03 -0.32
C LEU B 156 -10.66 2.57 1.10
N ASP B 157 -9.89 3.59 1.44
CA ASP B 157 -9.90 4.14 2.80
C ASP B 157 -10.39 5.60 2.90
N VAL B 158 -10.26 6.18 4.09
CA VAL B 158 -10.72 7.53 4.34
C VAL B 158 -9.85 8.62 3.67
N THR B 159 -8.56 8.33 3.49
CA THR B 159 -7.64 9.17 2.73
C THR B 159 -8.15 9.26 1.26
N LEU B 160 -8.44 8.12 0.66
CA LEU B 160 -9.03 8.12 -0.66
C LEU B 160 -10.33 8.93 -0.68
N LYS B 161 -11.12 8.87 0.39
CA LYS B 161 -12.38 9.59 0.40
C LYS B 161 -12.19 11.10 0.42
N ASN B 162 -11.23 11.57 1.20
CA ASN B 162 -10.92 12.96 1.16
C ASN B 162 -10.59 13.43 -0.26
N ALA B 163 -9.73 12.70 -0.98
CA ALA B 163 -9.29 13.11 -2.33
C ALA B 163 -10.46 13.19 -3.29
N LEU B 164 -11.24 12.10 -3.30
CA LEU B 164 -12.36 11.96 -4.20
C LEU B 164 -13.47 13.01 -4.04
N LEU B 165 -13.70 13.44 -2.80
CA LEU B 165 -14.79 14.37 -2.48
C LEU B 165 -14.38 15.82 -2.78
N CYS B 166 -13.08 16.03 -2.97
CA CYS B 166 -12.49 17.27 -3.52
C CYS B 166 -12.45 17.37 -5.05
N SER B 167 -12.58 16.23 -5.70
CA SER B 167 -12.13 16.08 -7.07
C SER B 167 -13.20 16.26 -8.14
N ASP B 168 -12.76 16.74 -9.30
CA ASP B 168 -13.63 16.85 -10.48
C ASP B 168 -13.46 15.61 -11.34
N TYR B 169 -12.27 15.03 -11.33
CA TYR B 169 -11.96 13.84 -12.14
C TYR B 169 -11.15 12.80 -11.39
N VAL B 170 -11.32 11.54 -11.79
CA VAL B 170 -10.47 10.46 -11.29
C VAL B 170 -9.83 9.69 -12.41
N ILE B 171 -8.52 9.51 -12.29
CA ILE B 171 -7.79 8.63 -13.19
C ILE B 171 -7.22 7.40 -12.49
N ILE B 172 -7.60 6.21 -12.96
CA ILE B 172 -7.07 4.97 -12.43
C ILE B 172 -6.11 4.28 -13.39
N PRO B 173 -4.80 4.23 -13.04
CA PRO B 173 -3.92 3.37 -13.77
C PRO B 173 -4.01 1.92 -13.31
N MET B 174 -4.09 1.01 -14.25
CA MET B 174 -4.11 -0.37 -13.91
C MET B 174 -3.34 -1.24 -14.88
N THR B 175 -3.05 -2.46 -14.46
CA THR B 175 -2.17 -3.36 -15.20
C THR B 175 -2.92 -4.67 -15.42
N ALA B 176 -2.42 -5.46 -16.36
CA ALA B 176 -3.09 -6.70 -16.73
C ALA B 176 -2.72 -7.80 -15.77
N GLU B 177 -3.40 -7.85 -14.64
CA GLU B 177 -3.16 -8.86 -13.63
C GLU B 177 -4.42 -9.64 -13.39
N LYS B 178 -4.31 -10.77 -12.73
CA LYS B 178 -5.49 -11.51 -12.38
C LYS B 178 -6.32 -10.60 -11.46
N TRP B 179 -7.63 -10.60 -11.71
CA TRP B 179 -8.63 -9.84 -10.94
C TRP B 179 -8.66 -8.32 -11.25
N ALA B 180 -7.99 -7.90 -12.33
CA ALA B 180 -7.99 -6.48 -12.72
C ALA B 180 -9.40 -5.95 -12.88
N VAL B 181 -10.25 -6.68 -13.60
CA VAL B 181 -11.62 -6.26 -13.89
C VAL B 181 -12.51 -6.24 -12.65
N GLU B 182 -12.41 -7.28 -11.84
CA GLU B 182 -13.14 -7.33 -10.59
C GLU B 182 -12.72 -6.14 -9.69
N SER B 183 -11.43 -5.81 -9.66
CA SER B 183 -10.94 -4.75 -8.79
C SER B 183 -11.45 -3.39 -9.23
N LEU B 184 -11.43 -3.16 -10.54
CA LEU B 184 -12.03 -2.00 -11.15
C LEU B 184 -13.50 -1.87 -10.79
N ASP B 185 -14.26 -2.97 -10.85
CA ASP B 185 -15.68 -2.88 -10.45
C ASP B 185 -15.85 -2.51 -9.01
N LEU B 186 -14.97 -3.05 -8.17
CA LEU B 186 -15.05 -2.76 -6.74
C LEU B 186 -14.74 -1.28 -6.46
N PHE B 187 -13.75 -0.76 -7.16
CA PHE B 187 -13.37 0.62 -7.01
C PHE B 187 -14.54 1.45 -7.52
N ASN B 188 -15.08 1.09 -8.69
CA ASN B 188 -16.28 1.78 -9.21
C ASN B 188 -17.41 1.83 -8.20
N PHE B 189 -17.76 0.69 -7.64
CA PHE B 189 -18.81 0.60 -6.61
C PHE B 189 -18.51 1.49 -5.40
N PHE B 190 -17.24 1.57 -5.02
CA PHE B 190 -16.84 2.45 -3.95
C PHE B 190 -16.97 3.93 -4.35
N VAL B 191 -16.40 4.28 -5.50
CA VAL B 191 -16.33 5.68 -5.97
C VAL B 191 -17.73 6.20 -6.29
N ARG B 192 -18.51 5.42 -7.03
CA ARG B 192 -19.89 5.77 -7.39
CA ARG B 192 -19.86 5.84 -7.40
C ARG B 192 -20.71 6.14 -6.16
N LYS B 193 -20.57 5.32 -5.12
CA LYS B 193 -21.36 5.45 -3.91
C LYS B 193 -21.12 6.75 -3.14
N LEU B 194 -19.88 7.23 -3.06
CA LEU B 194 -19.66 8.57 -2.47
C LEU B 194 -19.69 9.75 -3.46
N ASN B 195 -19.54 9.52 -4.75
CA ASN B 195 -19.94 10.54 -5.74
C ASN B 195 -20.20 9.95 -7.11
N LEU B 196 -21.47 9.75 -7.42
CA LEU B 196 -21.84 9.14 -8.69
C LEU B 196 -21.64 10.10 -9.87
N PHE B 197 -21.31 11.36 -9.59
CA PHE B 197 -21.03 12.34 -10.66
C PHE B 197 -19.57 12.33 -11.15
N LEU B 198 -18.69 11.65 -10.44
CA LEU B 198 -17.24 11.77 -10.67
C LEU B 198 -16.86 10.95 -11.88
N PRO B 199 -16.38 11.59 -12.94
CA PRO B 199 -15.96 10.75 -14.04
C PRO B 199 -14.68 9.99 -13.68
N ILE B 200 -14.63 8.73 -14.05
CA ILE B 200 -13.50 7.88 -13.77
C ILE B 200 -12.90 7.52 -15.13
N PHE B 201 -11.63 7.89 -15.34
CA PHE B 201 -10.91 7.57 -16.57
C PHE B 201 -9.91 6.46 -16.32
N LEU B 202 -9.61 5.68 -17.36
CA LEU B 202 -8.80 4.48 -17.20
C LEU B 202 -7.52 4.51 -18.06
N ILE B 203 -6.39 4.14 -17.47
CA ILE B 203 -5.16 3.85 -18.20
C ILE B 203 -4.74 2.41 -17.87
N ILE B 204 -4.18 1.71 -18.86
CA ILE B 204 -3.50 0.44 -18.61
C ILE B 204 -2.06 0.76 -18.64
N THR B 205 -1.33 0.45 -17.57
CA THR B 205 0.09 0.72 -17.50
C THR B 205 0.87 -0.59 -17.54
N ARG B 206 2.20 -0.50 -17.57
CA ARG B 206 3.07 -1.68 -17.59
C ARG B 206 2.69 -2.66 -18.70
N PHE B 207 2.28 -2.09 -19.82
CA PHE B 207 1.67 -2.83 -20.88
C PHE B 207 2.71 -3.64 -21.68
N LYS B 208 2.31 -4.85 -22.08
CA LYS B 208 3.16 -5.78 -22.86
C LYS B 208 2.31 -6.49 -23.95
N LYS B 209 2.91 -6.82 -25.09
CA LYS B 209 2.21 -7.65 -26.10
C LYS B 209 2.20 -9.10 -25.64
N ASN B 210 1.10 -9.53 -25.03
CA ASN B 210 0.92 -10.94 -24.69
C ASN B 210 -0.53 -11.20 -24.45
N ARG B 211 -0.91 -12.46 -24.32
CA ARG B 211 -2.34 -12.81 -24.29
C ARG B 211 -3.10 -12.09 -23.17
N THR B 212 -2.46 -11.96 -22.00
CA THR B 212 -3.26 -11.58 -20.82
C THR B 212 -3.37 -10.03 -20.76
N HIS B 213 -2.46 -9.30 -21.41
CA HIS B 213 -2.62 -7.87 -21.58
C HIS B 213 -3.60 -7.54 -22.70
N LYS B 214 -3.54 -8.31 -23.78
CA LYS B 214 -4.43 -8.15 -24.92
C LYS B 214 -5.88 -8.27 -24.48
N THR B 215 -6.14 -9.23 -23.61
CA THR B 215 -7.48 -9.53 -23.10
C THR B 215 -8.08 -8.42 -22.22
N LEU B 216 -7.25 -7.82 -21.37
CA LEU B 216 -7.70 -6.67 -20.58
C LEU B 216 -7.94 -5.48 -21.54
N PHE B 217 -6.98 -5.25 -22.44
CA PHE B 217 -7.10 -4.21 -23.45
C PHE B 217 -8.35 -4.33 -24.30
N GLU B 218 -8.64 -5.54 -24.77
CA GLU B 218 -9.87 -5.76 -25.51
C GLU B 218 -11.07 -5.36 -24.69
N ILE B 219 -11.05 -5.68 -23.40
CA ILE B 219 -12.17 -5.35 -22.48
C ILE B 219 -12.29 -3.84 -22.20
N LEU B 220 -11.18 -3.19 -21.96
CA LEU B 220 -11.18 -1.81 -21.47
C LEU B 220 -11.33 -0.76 -22.60
N LYS B 221 -10.81 -1.06 -23.81
CA LYS B 221 -10.75 -0.07 -24.91
C LYS B 221 -12.10 0.45 -25.37
N THR B 222 -13.18 -0.24 -25.00
CA THR B 222 -14.52 0.11 -25.43
C THR B 222 -15.28 0.89 -24.36
N LYS B 223 -14.64 1.17 -23.23
CA LYS B 223 -15.28 1.89 -22.13
C LYS B 223 -15.15 3.35 -22.46
N ASP B 224 -16.22 4.10 -22.23
CA ASP B 224 -16.24 5.50 -22.66
CA ASP B 224 -16.25 5.51 -22.60
C ASP B 224 -14.95 6.22 -22.26
N ARG B 225 -14.49 6.02 -21.03
CA ARG B 225 -13.43 6.85 -20.50
C ARG B 225 -12.05 6.22 -20.53
N PHE B 226 -11.84 5.21 -21.38
CA PHE B 226 -10.54 4.64 -21.59
C PHE B 226 -9.66 5.66 -22.30
N LEU B 227 -8.45 5.82 -21.78
CA LEU B 227 -7.51 6.84 -22.22
C LEU B 227 -6.35 6.28 -23.06
N GLY B 228 -6.03 4.99 -22.90
CA GLY B 228 -4.84 4.43 -23.56
C GLY B 228 -3.88 3.66 -22.66
N THR B 229 -2.71 3.33 -23.24
CA THR B 229 -1.78 2.42 -22.60
C THR B 229 -0.42 3.01 -22.48
N ILE B 230 0.27 2.69 -21.39
CA ILE B 230 1.64 3.06 -21.22
C ILE B 230 2.42 1.74 -21.21
N SER B 231 3.50 1.66 -21.99
CA SER B 231 4.33 0.45 -22.06
C SER B 231 5.20 0.32 -20.85
N GLU B 232 5.58 -0.92 -20.55
CA GLU B 232 6.61 -1.21 -19.57
C GLU B 232 7.99 -0.83 -20.15
N ARG B 233 8.66 0.10 -19.47
CA ARG B 233 9.95 0.62 -19.90
C ARG B 233 10.79 0.97 -18.66
N GLU B 234 12.00 0.40 -18.58
CA GLU B 234 12.88 0.56 -17.40
C GLU B 234 13.80 1.75 -17.57
N ASN B 249 11.34 13.51 -23.46
CA ASN B 249 12.02 13.02 -24.67
C ASN B 249 11.59 11.61 -25.14
N LYS B 250 11.49 10.68 -24.19
CA LYS B 250 11.33 9.25 -24.48
C LYS B 250 9.97 8.83 -25.06
N ASP B 251 9.90 7.59 -25.54
CA ASP B 251 8.67 7.04 -26.10
C ASP B 251 7.56 6.94 -25.05
N TYR B 252 7.93 6.55 -23.83
CA TYR B 252 6.93 6.49 -22.76
C TYR B 252 6.41 7.89 -22.36
N ILE B 253 7.25 8.92 -22.41
CA ILE B 253 6.77 10.30 -22.20
C ILE B 253 5.68 10.57 -23.22
N LYS B 254 5.95 10.27 -24.48
CA LYS B 254 5.02 10.55 -25.57
C LYS B 254 3.77 9.70 -25.42
N GLU B 255 3.89 8.53 -24.81
CA GLU B 255 2.66 7.80 -24.45
C GLU B 255 1.85 8.57 -23.40
N TYR B 256 2.53 9.13 -22.40
CA TYR B 256 1.80 9.95 -21.42
C TYR B 256 1.17 11.19 -22.08
N GLU B 257 1.88 11.74 -23.06
CA GLU B 257 1.38 12.87 -23.84
C GLU B 257 0.11 12.51 -24.55
N ASN B 258 0.09 11.31 -25.12
CA ASN B 258 -1.11 10.87 -25.79
C ASN B 258 -2.25 10.72 -24.81
N ILE B 259 -1.97 10.11 -23.66
CA ILE B 259 -3.00 9.96 -22.62
C ILE B 259 -3.57 11.33 -22.21
N LEU B 260 -2.70 12.28 -21.89
CA LEU B 260 -3.11 13.63 -21.43
C LEU B 260 -3.94 14.35 -22.50
N GLU B 261 -3.53 14.19 -23.74
CA GLU B 261 -4.22 14.78 -24.87
C GLU B 261 -5.66 14.33 -24.95
N ILE B 262 -5.86 13.02 -24.85
CA ILE B 262 -7.20 12.42 -25.02
C ILE B 262 -8.05 12.69 -23.78
N PHE B 263 -7.42 12.75 -22.61
CA PHE B 263 -8.10 13.21 -21.36
C PHE B 263 -8.63 14.64 -21.48
N LEU B 264 -7.76 15.56 -21.93
CA LEU B 264 -8.12 16.97 -22.03
C LEU B 264 -9.24 17.20 -23.04
N LYS B 265 -9.22 16.45 -24.14
CA LYS B 265 -10.34 16.47 -25.08
C LYS B 265 -11.64 15.92 -24.51
N LYS B 266 -11.59 15.04 -23.52
CA LYS B 266 -12.81 14.43 -22.98
C LYS B 266 -13.49 15.20 -21.82
N ILE B 267 -12.81 16.20 -21.24
CA ILE B 267 -13.38 17.08 -20.19
C ILE B 267 -13.68 18.49 -20.73
S SO4 C . 6.05 -6.02 -0.15
O1 SO4 C . 5.21 -5.03 -0.83
O2 SO4 C . 6.98 -5.29 0.71
O3 SO4 C . 5.17 -6.89 0.61
O4 SO4 C . 6.76 -6.82 -1.14
S SO4 D . 2.68 2.79 -7.56
O1 SO4 D . 2.60 4.22 -7.23
O2 SO4 D . 2.80 1.97 -6.34
O3 SO4 D . 1.39 2.35 -8.18
O4 SO4 D . 3.86 2.50 -8.38
#